data_5U7X
#
_entry.id   5U7X
#
_cell.length_a   120.090
_cell.length_b   71.110
_cell.length_c   93.270
_cell.angle_alpha   90.00
_cell.angle_beta   139.45
_cell.angle_gamma   90.00
#
_symmetry.space_group_name_H-M   'C 1 2 1'
#
loop_
_entity.id
_entity.type
_entity.pdbx_description
1 polymer 'Nod factor binding lectin-nucleotide phosphohydrolase'
2 non-polymer 'PHOSPHATE ION'
3 non-polymer 'MANGANESE (II) ION'
4 water water
#
_entity_poly.entity_id   1
_entity_poly.type   'polypeptide(L)'
_entity_poly.pdbx_seq_one_letter_code
;MGSSHHHHHHSSGLVPRGSHMSMELLTSYAVIFDAGSSGSRVHVFNFDQNLDLLHIGNDLEFTKKIKPGLSSYADKPEKA
AESLIPLLEEAEDVVPEELHPKTPLKLGATAGLRLLDGDAAEKILQAVREMFRNRSSLSVQPDAVSVIDGTQEGSYLWVT
VNYLLGKLGKKFTKTVGVIDLGGASVQMAYAVSRNTAKNAPKPPQGEDPYMKKLVLKGKKYDLYVHSYLRYGNDAARVKI
FKTTDGAASPCLLAGYEDIYRYSGESYNIYGPTSGANFNECRDLALQILRLNEPCSHENCTFGGIWDGGKGSGQKNLVVT
SAFYYRSSEVGFVTPPNSKNRPLDFETAAKQACSLTFEEAKSTFPNVEKDKLPFVCVDFTYQYTLLVDGFGLDPEQEITV
AEGIEYQDAIVETAWPLGTAIEAISSLPKFNRLMYFI
;
_entity_poly.pdbx_strand_id   F
#
# COMPACT_ATOMS: atom_id res chain seq x y z
N LEU A 25 22.13 -8.70 25.75
CA LEU A 25 21.17 -7.73 25.10
C LEU A 25 19.69 -8.16 25.16
N LEU A 26 18.83 -7.20 25.49
CA LEU A 26 17.39 -7.41 25.44
C LEU A 26 16.95 -7.66 23.98
N THR A 27 16.07 -8.63 23.85
CA THR A 27 15.45 -8.99 22.60
C THR A 27 13.90 -8.82 22.62
N SER A 28 13.31 -8.59 21.44
CA SER A 28 11.84 -8.60 21.34
C SER A 28 11.26 -8.91 19.95
N TYR A 29 10.36 -9.87 19.90
CA TYR A 29 9.54 -10.09 18.74
C TYR A 29 8.44 -9.00 18.73
N ALA A 30 7.81 -8.83 17.57
CA ALA A 30 6.66 -7.97 17.35
C ALA A 30 5.78 -8.65 16.34
N VAL A 31 4.50 -8.76 16.63
CA VAL A 31 3.51 -9.21 15.65
C VAL A 31 2.57 -8.08 15.17
N ILE A 32 2.57 -7.87 13.85
CA ILE A 32 1.87 -6.76 13.23
C ILE A 32 0.97 -7.25 12.09
N PHE A 33 -0.33 -7.02 12.23
CA PHE A 33 -1.30 -7.30 11.19
C PHE A 33 -1.60 -6.07 10.33
N ASP A 34 -1.51 -6.28 9.04
CA ASP A 34 -2.00 -5.31 8.08
C ASP A 34 -3.32 -5.84 7.50
N ALA A 35 -4.41 -5.20 7.89
CA ALA A 35 -5.74 -5.50 7.38
C ALA A 35 -6.04 -4.59 6.18
N GLY A 36 -5.55 -5.01 5.03
CA GLY A 36 -5.70 -4.29 3.79
C GLY A 36 -7.05 -4.54 3.16
N SER A 37 -7.28 -3.86 2.03
CA SER A 37 -8.57 -3.88 1.36
C SER A 37 -8.95 -5.26 0.83
N SER A 38 -7.98 -6.03 0.37
CA SER A 38 -8.30 -7.27 -0.35
C SER A 38 -7.83 -8.57 0.34
N GLY A 39 -7.34 -8.44 1.57
CA GLY A 39 -6.64 -9.48 2.27
C GLY A 39 -6.14 -8.97 3.62
N SER A 40 -5.74 -9.92 4.46
CA SER A 40 -5.15 -9.62 5.75
C SER A 40 -3.81 -10.35 5.79
N ARG A 41 -2.80 -9.70 6.36
CA ARG A 41 -1.44 -10.22 6.39
C ARG A 41 -0.78 -10.00 7.74
N VAL A 42 -0.33 -11.09 8.38
CA VAL A 42 0.45 -11.02 9.63
C VAL A 42 1.93 -10.99 9.32
N HIS A 43 2.65 -10.12 10.01
CA HIS A 43 4.09 -10.00 9.95
C HIS A 43 4.62 -10.28 11.34
N VAL A 44 5.65 -11.12 11.45
CA VAL A 44 6.35 -11.34 12.72
C VAL A 44 7.77 -10.96 12.50
N PHE A 45 8.29 -10.11 13.38
CA PHE A 45 9.71 -9.65 13.40
C PHE A 45 10.36 -9.88 14.76
N ASN A 46 11.66 -9.89 14.77
CA ASN A 46 12.42 -10.06 15.99
C ASN A 46 13.53 -9.05 15.98
N PHE A 47 13.77 -8.42 17.14
CA PHE A 47 14.66 -7.26 17.25
C PHE A 47 15.58 -7.37 18.45
N ASP A 48 16.78 -6.84 18.33
CA ASP A 48 17.60 -6.70 19.49
C ASP A 48 17.41 -5.34 20.10
N GLN A 49 18.13 -5.10 21.20
CA GLN A 49 18.08 -3.86 21.95
C GLN A 49 18.40 -2.59 21.17
N ASN A 50 19.06 -2.73 20.02
CA ASN A 50 19.39 -1.62 19.14
C ASN A 50 18.40 -1.38 18.00
N LEU A 51 17.37 -2.21 17.94
CA LEU A 51 16.42 -2.19 16.84
C LEU A 51 17.01 -2.60 15.50
N ASP A 52 18.00 -3.50 15.59
CA ASP A 52 18.52 -4.20 14.44
C ASP A 52 17.82 -5.55 14.38
N LEU A 53 17.37 -5.93 13.19
CA LEU A 53 16.61 -7.19 13.04
C LEU A 53 17.42 -8.41 13.45
N LEU A 54 16.72 -9.44 13.93
CA LEU A 54 17.29 -10.74 14.24
C LEU A 54 16.57 -11.82 13.46
N HIS A 55 17.25 -12.96 13.28
CA HIS A 55 16.72 -14.03 12.43
C HIS A 55 15.61 -14.74 13.12
N ILE A 56 14.72 -15.26 12.32
CA ILE A 56 13.75 -16.23 12.76
C ILE A 56 13.94 -17.29 11.72
N GLY A 57 14.36 -18.49 12.14
CA GLY A 57 14.85 -19.54 11.23
C GLY A 57 15.97 -18.99 10.35
N ASN A 58 15.89 -19.29 9.06
CA ASN A 58 16.76 -18.70 8.04
C ASN A 58 16.40 -17.26 7.69
N ASP A 59 15.24 -16.77 8.11
CA ASP A 59 14.63 -15.55 7.56
C ASP A 59 14.74 -14.33 8.51
N LEU A 60 14.39 -13.14 8.02
CA LEU A 60 14.37 -11.92 8.86
C LEU A 60 12.95 -11.39 9.06
N GLU A 61 11.98 -12.19 8.63
CA GLU A 61 10.58 -11.81 8.65
C GLU A 61 9.82 -13.12 8.43
N PHE A 62 8.78 -13.36 9.23
CA PHE A 62 7.82 -14.37 8.91
C PHE A 62 6.48 -13.69 8.62
N THR A 63 5.88 -13.99 7.48
CA THR A 63 4.61 -13.39 7.12
C THR A 63 3.73 -14.34 6.33
N LYS A 64 2.44 -14.37 6.60
CA LYS A 64 1.48 -15.13 5.79
C LYS A 64 0.24 -14.29 5.61
N LYS A 65 -0.57 -14.62 4.61
CA LYS A 65 -1.75 -13.81 4.33
C LYS A 65 -2.99 -14.62 3.99
N ILE A 66 -4.15 -13.99 4.05
CA ILE A 66 -5.38 -14.62 3.62
C ILE A 66 -6.23 -13.64 2.85
N LYS A 67 -7.06 -14.16 1.96
CA LYS A 67 -8.09 -13.39 1.27
C LYS A 67 -9.47 -14.04 1.53
N PRO A 68 -10.54 -13.23 1.58
CA PRO A 68 -10.55 -11.77 1.42
C PRO A 68 -10.24 -10.99 2.72
N GLY A 69 -10.23 -9.66 2.60
CA GLY A 69 -9.97 -8.82 3.76
C GLY A 69 -11.12 -8.65 4.74
N LEU A 70 -10.87 -7.91 5.81
CA LEU A 70 -11.88 -7.57 6.80
C LEU A 70 -13.13 -6.87 6.21
N SER A 71 -12.93 -5.95 5.28
CA SER A 71 -14.06 -5.20 4.76
C SER A 71 -15.09 -6.12 4.08
N SER A 72 -14.68 -7.28 3.57
CA SER A 72 -15.60 -8.23 2.91
C SER A 72 -16.57 -8.91 3.85
N TYR A 73 -16.40 -8.71 5.15
CA TYR A 73 -17.31 -9.20 6.15
C TYR A 73 -17.97 -8.03 6.83
N ALA A 74 -18.34 -7.01 6.09
CA ALA A 74 -18.94 -5.82 6.72
C ALA A 74 -20.21 -6.18 7.52
N ASP A 75 -20.95 -7.19 7.06
CA ASP A 75 -22.20 -7.58 7.73
C ASP A 75 -22.01 -8.51 8.91
N LYS A 76 -20.86 -9.19 8.96
CA LYS A 76 -20.64 -10.25 9.93
C LYS A 76 -19.28 -10.00 10.59
N PRO A 77 -19.23 -9.00 11.50
CA PRO A 77 -17.97 -8.57 12.13
C PRO A 77 -17.34 -9.66 12.96
N GLU A 78 -18.15 -10.47 13.61
CA GLU A 78 -17.65 -11.63 14.35
C GLU A 78 -16.84 -12.54 13.43
N LYS A 79 -17.37 -12.83 12.25
CA LYS A 79 -16.70 -13.66 11.26
C LYS A 79 -15.46 -12.96 10.67
N ALA A 80 -15.46 -11.61 10.63
CA ALA A 80 -14.27 -10.92 10.18
C ALA A 80 -13.08 -11.27 11.11
N ALA A 81 -13.33 -11.17 12.41
CA ALA A 81 -12.31 -11.42 13.41
C ALA A 81 -11.84 -12.88 13.35
N GLU A 82 -12.75 -13.82 13.14
CA GLU A 82 -12.41 -15.24 13.04
C GLU A 82 -11.53 -15.56 11.84
N SER A 83 -11.73 -14.85 10.74
CA SER A 83 -10.88 -15.02 9.60
C SER A 83 -9.41 -14.87 10.01
N LEU A 84 -9.10 -14.02 11.00
CA LEU A 84 -7.69 -13.75 11.37
C LEU A 84 -7.02 -14.80 12.27
N ILE A 85 -7.81 -15.74 12.79
CA ILE A 85 -7.32 -16.69 13.80
C ILE A 85 -6.21 -17.59 13.26
N PRO A 86 -6.42 -18.21 12.09
CA PRO A 86 -5.30 -18.98 11.46
C PRO A 86 -3.98 -18.19 11.50
N LEU A 87 -4.02 -16.96 10.99
CA LEU A 87 -2.87 -16.08 11.01
C LEU A 87 -2.33 -15.88 12.42
N LEU A 88 -3.23 -15.69 13.38
CA LEU A 88 -2.79 -15.40 14.73
C LEU A 88 -2.16 -16.62 15.28
N GLU A 89 -2.79 -17.78 15.09
CA GLU A 89 -2.17 -19.03 15.52
C GLU A 89 -0.81 -19.32 14.87
N GLU A 90 -0.72 -19.07 13.56
CA GLU A 90 0.57 -19.25 12.86
C GLU A 90 1.67 -18.40 13.51
N ALA A 91 1.40 -17.10 13.69
CA ALA A 91 2.37 -16.16 14.29
C ALA A 91 2.78 -16.50 15.72
N GLU A 92 1.84 -17.01 16.51
CA GLU A 92 2.12 -17.39 17.89
C GLU A 92 3.09 -18.57 17.90
N ASP A 93 2.84 -19.55 17.01
CA ASP A 93 3.69 -20.76 16.88
C ASP A 93 5.13 -20.35 16.50
N VAL A 94 5.31 -19.18 15.91
CA VAL A 94 6.65 -18.70 15.52
C VAL A 94 7.43 -18.03 16.64
N VAL A 95 6.74 -17.25 17.47
CA VAL A 95 7.34 -16.53 18.59
C VAL A 95 7.40 -17.58 19.67
N PRO A 96 8.57 -17.77 20.33
CA PRO A 96 8.75 -18.77 21.37
C PRO A 96 7.81 -18.60 22.55
N GLU A 97 7.25 -19.72 23.01
CA GLU A 97 6.15 -19.78 23.98
C GLU A 97 6.40 -18.93 25.23
N GLU A 98 7.60 -19.02 25.77
CA GLU A 98 7.92 -18.27 26.99
C GLU A 98 7.88 -16.76 26.71
N LEU A 99 7.97 -16.35 25.45
CA LEU A 99 8.00 -14.92 25.13
C LEU A 99 6.64 -14.27 24.76
N HIS A 100 5.58 -15.07 24.71
CA HIS A 100 4.27 -14.53 24.29
C HIS A 100 3.80 -13.35 25.14
N PRO A 101 3.69 -13.53 26.48
CA PRO A 101 3.00 -12.46 27.22
C PRO A 101 3.63 -11.05 27.12
N LYS A 102 4.91 -10.93 26.74
CA LYS A 102 5.52 -9.61 26.54
C LYS A 102 5.83 -9.25 25.07
N THR A 103 5.14 -9.90 24.14
CA THR A 103 5.31 -9.63 22.71
C THR A 103 4.14 -8.77 22.19
N PRO A 104 4.40 -7.51 21.80
CA PRO A 104 3.29 -6.68 21.32
C PRO A 104 2.57 -7.28 20.14
N LEU A 105 1.26 -7.10 20.13
CA LEU A 105 0.41 -7.48 18.99
C LEU A 105 -0.36 -6.23 18.61
N LYS A 106 -0.29 -5.88 17.33
CA LYS A 106 -1.03 -4.76 16.78
C LYS A 106 -1.69 -5.16 15.48
N LEU A 107 -2.77 -4.47 15.16
CA LEU A 107 -3.42 -4.61 13.86
C LEU A 107 -3.81 -3.23 13.38
N GLY A 108 -3.52 -2.92 12.13
CA GLY A 108 -3.89 -1.64 11.52
C GLY A 108 -4.69 -1.93 10.26
N ALA A 109 -5.93 -1.51 10.23
CA ALA A 109 -6.77 -1.62 9.06
C ALA A 109 -6.57 -0.35 8.26
N THR A 110 -6.68 -0.47 6.94
CA THR A 110 -6.41 0.64 6.06
C THR A 110 -7.63 0.96 5.19
N ALA A 111 -7.47 1.17 3.88
CA ALA A 111 -8.52 1.84 3.12
C ALA A 111 -9.79 1.02 2.93
N GLY A 112 -9.69 -0.27 3.12
CA GLY A 112 -10.89 -1.10 3.00
C GLY A 112 -11.91 -0.60 4.01
N LEU A 113 -11.54 -0.56 5.29
CA LEU A 113 -12.47 -0.12 6.31
C LEU A 113 -12.72 1.38 6.17
N ARG A 114 -11.73 2.10 5.61
CA ARG A 114 -11.90 3.54 5.46
C ARG A 114 -13.10 3.81 4.53
N LEU A 115 -13.42 2.88 3.63
CA LEU A 115 -14.55 3.07 2.71
C LEU A 115 -15.87 2.55 3.25
N LEU A 116 -15.92 1.93 4.40
CA LEU A 116 -17.15 1.38 4.89
C LEU A 116 -17.91 2.48 5.53
N ASP A 117 -19.22 2.30 5.66
CA ASP A 117 -20.01 3.33 6.29
C ASP A 117 -20.14 3.16 7.78
N GLY A 118 -18.98 3.20 8.44
CA GLY A 118 -18.72 3.81 9.72
C GLY A 118 -19.02 3.08 11.00
N ASP A 119 -20.30 2.76 11.18
CA ASP A 119 -20.72 1.94 12.27
C ASP A 119 -20.04 0.63 12.06
N ALA A 120 -19.93 0.25 10.80
CA ALA A 120 -19.48 -1.11 10.41
C ALA A 120 -18.00 -1.36 10.61
N ALA A 121 -17.18 -0.35 10.33
CA ALA A 121 -15.74 -0.51 10.54
C ALA A 121 -15.42 -0.60 12.02
N GLU A 122 -16.08 0.21 12.85
CA GLU A 122 -15.83 0.12 14.31
C GLU A 122 -16.33 -1.22 14.87
N LYS A 123 -17.45 -1.73 14.33
CA LYS A 123 -18.01 -3.02 14.76
C LYS A 123 -17.03 -4.16 14.45
N ILE A 124 -16.37 -4.09 13.28
CA ILE A 124 -15.33 -5.04 12.93
C ILE A 124 -14.15 -4.93 13.86
N LEU A 125 -13.64 -3.72 14.08
CA LEU A 125 -12.53 -3.56 15.01
C LEU A 125 -12.88 -4.06 16.42
N GLN A 126 -14.12 -3.88 16.84
CA GLN A 126 -14.54 -4.38 18.17
C GLN A 126 -14.46 -5.87 18.28
N ALA A 127 -14.92 -6.56 17.25
CA ALA A 127 -14.79 -8.00 17.21
C ALA A 127 -13.31 -8.40 17.26
N VAL A 128 -12.49 -7.73 16.46
CA VAL A 128 -11.07 -8.08 16.40
C VAL A 128 -10.40 -7.93 17.76
N ARG A 129 -10.66 -6.85 18.48
CA ARG A 129 -9.98 -6.72 19.76
C ARG A 129 -10.53 -7.64 20.84
N GLU A 130 -11.79 -8.05 20.71
CA GLU A 130 -12.35 -9.09 21.58
C GLU A 130 -11.63 -10.42 21.38
N MET A 131 -11.56 -10.82 20.11
CA MET A 131 -10.83 -11.99 19.70
C MET A 131 -9.37 -11.94 20.18
N PHE A 132 -8.70 -10.79 20.07
CA PHE A 132 -7.28 -10.72 20.49
C PHE A 132 -7.25 -10.91 22.00
N ARG A 133 -8.12 -10.21 22.71
CA ARG A 133 -8.26 -10.38 24.15
C ARG A 133 -8.60 -11.82 24.55
N ASN A 134 -9.59 -12.41 23.90
CA ASN A 134 -10.04 -13.73 24.31
C ASN A 134 -9.10 -14.83 23.87
N ARG A 135 -8.35 -14.64 22.78
CA ARG A 135 -7.63 -15.76 22.14
C ARG A 135 -6.13 -15.62 22.04
N SER A 136 -5.60 -14.42 22.04
CA SER A 136 -4.15 -14.27 21.94
C SER A 136 -3.52 -14.52 23.30
N SER A 137 -2.28 -14.97 23.26
CA SER A 137 -1.42 -15.11 24.44
C SER A 137 -0.36 -13.98 24.48
N LEU A 138 -0.46 -13.05 23.52
CA LEU A 138 0.51 -11.96 23.34
C LEU A 138 0.03 -10.71 24.06
N SER A 139 0.86 -9.68 24.00
CA SER A 139 0.59 -8.42 24.66
C SER A 139 -0.29 -7.53 23.78
N VAL A 140 -1.44 -7.16 24.35
CA VAL A 140 -2.44 -6.34 23.69
C VAL A 140 -2.67 -5.02 24.40
N GLN A 141 -2.24 -3.93 23.80
CA GLN A 141 -2.38 -2.63 24.46
C GLN A 141 -3.71 -1.99 24.09
N PRO A 142 -4.08 -0.93 24.81
CA PRO A 142 -5.38 -0.36 24.51
C PRO A 142 -5.46 0.24 23.11
N ASP A 143 -4.32 0.65 22.58
CA ASP A 143 -4.26 1.10 21.19
C ASP A 143 -3.98 -0.02 20.13
N ALA A 144 -4.00 -1.29 20.49
CA ALA A 144 -3.50 -2.39 19.60
C ALA A 144 -4.18 -2.50 18.22
N VAL A 145 -5.48 -2.18 18.20
CA VAL A 145 -6.33 -2.35 17.05
C VAL A 145 -6.93 -1.03 16.67
N SER A 146 -6.66 -0.60 15.43
CA SER A 146 -7.19 0.63 14.89
C SER A 146 -7.18 0.64 13.36
N VAL A 147 -7.96 1.59 12.82
CA VAL A 147 -7.90 2.00 11.45
C VAL A 147 -6.87 3.12 11.50
N ILE A 148 -5.73 2.91 10.86
CA ILE A 148 -4.67 3.89 10.93
C ILE A 148 -4.93 4.94 9.86
N ASP A 149 -4.40 6.15 10.07
CA ASP A 149 -4.53 7.24 9.13
C ASP A 149 -3.69 6.95 7.91
N GLY A 150 -4.11 7.49 6.79
CA GLY A 150 -3.36 7.39 5.56
C GLY A 150 -1.97 7.94 5.72
N THR A 151 -1.85 9.02 6.50
CA THR A 151 -0.55 9.65 6.70
C THR A 151 0.41 8.77 7.50
N GLN A 152 -0.08 8.07 8.53
CA GLN A 152 0.71 7.07 9.29
C GLN A 152 1.13 5.92 8.39
N GLU A 153 0.17 5.43 7.62
CA GLU A 153 0.37 4.37 6.64
C GLU A 153 1.50 4.73 5.65
N GLY A 154 1.45 5.93 5.07
CA GLY A 154 2.51 6.44 4.19
C GLY A 154 3.81 6.46 4.96
N SER A 155 3.78 7.05 6.16
CA SER A 155 4.95 7.24 6.99
C SER A 155 5.62 5.96 7.40
N TYR A 156 4.85 5.02 7.92
CA TYR A 156 5.38 3.72 8.29
C TYR A 156 6.12 3.04 7.18
N LEU A 157 5.56 3.07 5.97
CA LEU A 157 6.24 2.50 4.79
C LEU A 157 7.53 3.25 4.44
N TRP A 158 7.49 4.58 4.50
CA TRP A 158 8.69 5.35 4.38
C TRP A 158 9.76 4.82 5.35
N VAL A 159 9.41 4.62 6.60
CA VAL A 159 10.38 4.12 7.56
C VAL A 159 10.87 2.78 7.08
N THR A 160 9.92 1.92 6.69
CA THR A 160 10.26 0.57 6.28
C THR A 160 11.34 0.55 5.19
N VAL A 161 11.18 1.41 4.19
CA VAL A 161 11.99 1.33 2.99
C VAL A 161 13.38 1.93 3.30
N ASN A 162 13.39 3.05 4.02
CA ASN A 162 14.64 3.73 4.34
C ASN A 162 15.46 3.01 5.41
N TYR A 163 14.80 2.30 6.31
CA TYR A 163 15.51 1.43 7.27
C TYR A 163 16.24 0.36 6.48
N LEU A 164 15.48 -0.35 5.67
CA LEU A 164 15.96 -1.46 4.88
C LEU A 164 17.06 -1.03 3.90
N LEU A 165 17.05 0.23 3.49
CA LEU A 165 18.04 0.67 2.55
C LEU A 165 19.19 1.39 3.26
N GLY A 166 19.20 1.36 4.60
CA GLY A 166 20.23 2.04 5.38
C GLY A 166 20.34 3.54 5.15
N LYS A 167 19.29 4.18 4.66
CA LYS A 167 19.38 5.60 4.30
C LYS A 167 18.84 6.45 5.45
N LEU A 168 18.91 5.87 6.63
CA LEU A 168 18.15 6.29 7.77
C LEU A 168 19.11 6.98 8.75
N GLY A 169 18.85 8.24 9.04
CA GLY A 169 19.80 9.06 9.80
C GLY A 169 20.54 10.03 8.90
N LYS A 170 20.49 9.78 7.59
CA LYS A 170 21.12 10.67 6.63
C LYS A 170 20.27 11.91 6.38
N LYS A 171 20.87 12.89 5.72
CA LYS A 171 20.18 14.09 5.28
C LYS A 171 18.99 13.65 4.44
N PHE A 172 17.91 14.43 4.44
CA PHE A 172 16.71 14.05 3.71
C PHE A 172 16.91 13.84 2.19
N THR A 173 17.92 14.53 1.65
CA THR A 173 18.26 14.44 0.24
C THR A 173 18.80 13.06 -0.15
N LYS A 174 19.29 12.28 0.82
CA LYS A 174 19.84 10.93 0.61
C LYS A 174 18.85 9.81 0.95
N THR A 175 17.57 10.16 1.20
CA THR A 175 16.53 9.17 1.52
C THR A 175 15.59 8.91 0.33
N VAL A 176 14.93 7.75 0.39
CA VAL A 176 14.08 7.30 -0.71
C VAL A 176 12.64 7.56 -0.36
N GLY A 177 11.92 8.15 -1.32
CA GLY A 177 10.48 8.34 -1.23
C GLY A 177 9.71 7.10 -1.65
N VAL A 178 8.41 7.06 -1.36
CA VAL A 178 7.64 5.88 -1.65
C VAL A 178 6.28 6.22 -2.18
N ILE A 179 5.78 5.32 -3.02
CA ILE A 179 4.41 5.34 -3.50
C ILE A 179 3.81 3.96 -3.29
N ASP A 180 2.76 3.87 -2.45
CA ASP A 180 2.12 2.58 -2.10
C ASP A 180 0.79 2.49 -2.84
N LEU A 181 0.73 1.71 -3.90
CA LEU A 181 -0.55 1.50 -4.56
C LEU A 181 -1.26 0.25 -3.98
N GLY A 182 -2.07 0.47 -2.94
CA GLY A 182 -2.98 -0.59 -2.44
C GLY A 182 -4.22 -0.66 -3.29
N GLY A 183 -5.17 -1.46 -2.89
CA GLY A 183 -6.34 -1.66 -3.73
C GLY A 183 -7.34 -0.51 -3.69
N ALA A 184 -7.43 0.14 -2.51
CA ALA A 184 -8.40 1.19 -2.25
C ALA A 184 -7.84 2.62 -2.14
N SER A 185 -6.59 2.76 -1.74
CA SER A 185 -5.97 4.09 -1.60
C SER A 185 -4.59 4.00 -2.18
N VAL A 186 -4.02 5.15 -2.54
CA VAL A 186 -2.58 5.24 -2.82
C VAL A 186 -1.97 6.34 -1.94
N GLN A 187 -0.85 6.01 -1.30
CA GLN A 187 -0.07 6.98 -0.53
C GLN A 187 1.22 7.39 -1.26
N MET A 188 1.50 8.70 -1.27
CA MET A 188 2.81 9.24 -1.61
C MET A 188 3.38 9.75 -0.31
N ALA A 189 4.66 9.48 -0.06
CA ALA A 189 5.33 9.99 1.13
C ALA A 189 6.83 10.18 0.89
N TYR A 190 7.36 11.38 1.08
CA TYR A 190 8.80 11.59 0.93
C TYR A 190 9.28 12.68 1.88
N ALA A 191 10.54 12.60 2.32
CA ALA A 191 11.13 13.61 3.21
C ALA A 191 11.36 14.96 2.53
N VAL A 192 11.36 16.00 3.35
CA VAL A 192 11.27 17.36 2.85
C VAL A 192 12.06 18.32 3.78
N SER A 193 12.40 19.51 3.30
CA SER A 193 13.31 20.46 4.03
C SER A 193 12.58 21.24 5.11
N ARG A 194 13.28 21.59 6.19
CA ARG A 194 12.67 22.42 7.28
C ARG A 194 11.84 23.52 6.64
N ASN A 195 12.35 24.00 5.52
CA ASN A 195 11.77 25.13 4.81
C ASN A 195 10.39 24.85 4.22
N THR A 196 10.29 23.80 3.40
CA THR A 196 9.05 23.40 2.73
C THR A 196 8.05 22.98 3.76
N ALA A 197 8.53 22.42 4.87
CA ALA A 197 7.69 22.12 6.02
C ALA A 197 7.04 23.38 6.60
N LYS A 198 7.87 24.40 6.91
CA LYS A 198 7.45 25.64 7.57
C LYS A 198 6.27 26.30 6.86
N ASN A 199 6.25 26.20 5.52
CA ASN A 199 5.31 26.91 4.65
C ASN A 199 4.20 26.02 4.07
N ALA A 200 4.13 24.76 4.52
CA ALA A 200 3.14 23.85 3.96
C ALA A 200 1.73 24.42 4.21
N PRO A 201 0.87 24.45 3.15
CA PRO A 201 -0.48 25.01 3.27
C PRO A 201 -1.36 24.15 4.14
N LYS A 202 -2.50 24.72 4.55
CA LYS A 202 -3.50 23.96 5.29
C LYS A 202 -4.18 23.01 4.31
N PRO A 203 -4.57 21.82 4.79
CA PRO A 203 -5.21 20.88 3.89
C PRO A 203 -6.62 21.33 3.57
N PRO A 204 -7.10 20.94 2.42
CA PRO A 204 -8.44 21.25 1.96
C PRO A 204 -9.48 20.45 2.67
N GLN A 205 -10.67 20.36 2.09
CA GLN A 205 -11.76 19.48 2.53
C GLN A 205 -11.88 19.54 4.01
N GLY A 206 -11.83 18.49 4.82
CA GLY A 206 -12.01 17.10 4.52
C GLY A 206 -10.78 16.25 4.45
N GLU A 207 -9.61 16.86 4.48
CA GLU A 207 -8.38 16.12 4.12
C GLU A 207 -7.34 16.20 5.22
N ASP A 208 -6.59 15.12 5.44
CA ASP A 208 -5.57 15.10 6.46
C ASP A 208 -4.47 16.11 6.14
N PRO A 209 -3.82 16.66 7.18
CA PRO A 209 -2.70 17.55 6.91
C PRO A 209 -1.56 16.88 6.17
N TYR A 210 -0.80 17.71 5.49
CA TYR A 210 0.25 17.30 4.61
C TYR A 210 1.53 16.86 5.27
N MET A 211 1.82 17.24 6.51
CA MET A 211 3.16 16.96 7.06
C MET A 211 3.13 16.10 8.31
N LYS A 212 4.15 15.27 8.46
CA LYS A 212 4.29 14.44 9.62
C LYS A 212 5.72 14.60 10.07
N LYS A 213 5.86 14.90 11.34
CA LYS A 213 7.13 15.24 11.91
C LYS A 213 7.52 13.96 12.66
N LEU A 214 8.69 13.41 12.35
CA LEU A 214 9.20 12.25 13.10
C LEU A 214 10.71 12.25 13.29
N VAL A 215 11.14 11.48 14.29
CA VAL A 215 12.54 11.31 14.59
C VAL A 215 12.92 9.85 14.31
N LEU A 216 13.99 9.69 13.55
CA LEU A 216 14.40 8.38 13.11
C LEU A 216 15.93 8.26 13.21
N LYS A 217 16.39 7.41 14.13
CA LYS A 217 17.82 7.20 14.44
C LYS A 217 18.43 8.54 14.71
N GLY A 218 18.02 9.14 15.82
CA GLY A 218 18.46 10.48 16.21
C GLY A 218 18.35 11.69 15.26
N LYS A 219 17.72 11.58 14.11
CA LYS A 219 17.49 12.76 13.29
C LYS A 219 16.02 13.02 12.96
N LYS A 220 15.62 14.28 13.11
CA LYS A 220 14.27 14.74 12.89
C LYS A 220 14.05 14.80 11.39
N TYR A 221 12.88 14.33 10.94
CA TYR A 221 12.45 14.44 9.54
C TYR A 221 11.10 15.06 9.45
N ASP A 222 10.86 15.78 8.37
CA ASP A 222 9.55 16.33 8.06
C ASP A 222 9.07 15.62 6.81
N LEU A 223 8.23 14.60 6.98
CA LEU A 223 7.61 13.91 5.85
C LEU A 223 6.38 14.62 5.28
N TYR A 224 6.39 14.89 3.98
CA TYR A 224 5.17 15.04 3.21
C TYR A 224 4.55 13.66 3.05
N VAL A 225 3.26 13.57 3.29
CA VAL A 225 2.53 12.33 3.15
C VAL A 225 1.11 12.67 2.74
N HIS A 226 0.63 12.04 1.69
CA HIS A 226 -0.80 12.12 1.40
C HIS A 226 -1.34 10.75 0.98
N SER A 227 -2.59 10.52 1.33
CA SER A 227 -3.30 9.31 0.96
C SER A 227 -4.52 9.71 0.18
N TYR A 228 -4.70 9.13 -0.99
CA TYR A 228 -5.83 9.43 -1.88
C TYR A 228 -6.79 8.29 -1.85
N LEU A 229 -7.84 8.44 -1.06
CA LEU A 229 -8.81 7.38 -0.89
C LEU A 229 -9.59 7.22 -2.20
N ARG A 230 -9.83 5.98 -2.58
CA ARG A 230 -10.46 5.60 -3.84
C ARG A 230 -9.56 5.70 -5.05
N TYR A 231 -8.28 6.00 -4.86
CA TYR A 231 -7.39 5.98 -6.02
C TYR A 231 -6.41 4.83 -5.99
N GLY A 232 -6.58 3.90 -5.05
CA GLY A 232 -6.03 2.55 -5.17
C GLY A 232 -6.43 1.86 -6.48
N ASN A 233 -5.71 0.82 -6.83
CA ASN A 233 -5.85 0.23 -8.13
C ASN A 233 -7.25 -0.30 -8.42
N ASP A 234 -7.86 -0.96 -7.45
CA ASP A 234 -9.16 -1.61 -7.65
C ASP A 234 -10.24 -0.57 -7.61
N ALA A 235 -10.10 0.36 -6.68
CA ALA A 235 -11.04 1.46 -6.54
C ALA A 235 -10.99 2.37 -7.77
N ALA A 236 -9.79 2.51 -8.35
CA ALA A 236 -9.62 3.30 -9.55
C ALA A 236 -10.34 2.68 -10.72
N ARG A 237 -10.29 1.34 -10.79
CA ARG A 237 -11.02 0.61 -11.84
C ARG A 237 -12.47 1.02 -11.90
N VAL A 238 -13.06 1.06 -10.70
CA VAL A 238 -14.47 1.33 -10.57
C VAL A 238 -14.79 2.75 -11.07
N LYS A 239 -13.97 3.71 -10.69
CA LYS A 239 -14.14 5.05 -11.21
C LYS A 239 -14.11 5.03 -12.74
N ILE A 240 -13.24 4.20 -13.32
CA ILE A 240 -13.13 4.15 -14.76
C ILE A 240 -14.36 3.52 -15.39
N PHE A 241 -14.79 2.38 -14.84
CA PHE A 241 -15.99 1.71 -15.31
C PHE A 241 -17.24 2.60 -15.23
N LYS A 242 -17.34 3.46 -14.21
CA LYS A 242 -18.51 4.33 -14.04
C LYS A 242 -18.64 5.42 -15.12
N THR A 243 -17.53 5.86 -15.72
CA THR A 243 -17.57 6.82 -16.82
C THR A 243 -18.18 6.27 -18.14
N THR A 244 -18.38 4.94 -18.25
CA THR A 244 -19.10 4.37 -19.38
C THR A 244 -20.28 3.50 -18.88
N ASP A 245 -20.95 3.89 -17.81
CA ASP A 245 -21.81 2.91 -17.15
C ASP A 245 -22.94 2.34 -17.97
N GLY A 246 -23.56 3.11 -18.80
CA GLY A 246 -24.44 2.39 -19.73
C GLY A 246 -23.87 1.30 -20.66
N ALA A 247 -22.57 1.21 -20.85
CA ALA A 247 -22.03 0.74 -22.10
C ALA A 247 -20.69 0.00 -21.95
N ALA A 248 -20.04 -0.24 -23.09
CA ALA A 248 -18.79 -0.98 -23.15
C ALA A 248 -17.65 -0.11 -22.70
N SER A 249 -16.66 -0.69 -22.05
CA SER A 249 -15.50 0.05 -21.62
C SER A 249 -14.34 -0.13 -22.59
N PRO A 250 -13.70 0.96 -23.00
CA PRO A 250 -12.53 0.87 -23.86
C PRO A 250 -11.32 0.25 -23.19
N CYS A 251 -11.36 0.17 -21.85
CA CYS A 251 -10.31 -0.46 -21.05
C CYS A 251 -10.40 -1.95 -20.94
N LEU A 252 -11.47 -2.54 -21.48
CA LEU A 252 -11.70 -3.97 -21.35
C LEU A 252 -11.61 -4.63 -22.68
N LEU A 253 -11.36 -5.95 -22.66
CA LEU A 253 -11.02 -6.71 -23.89
C LEU A 253 -12.23 -7.31 -24.62
N ALA A 254 -12.08 -7.60 -25.91
CA ALA A 254 -13.15 -8.31 -26.65
C ALA A 254 -13.34 -9.75 -26.10
N GLY A 255 -14.61 -10.17 -25.90
CA GLY A 255 -14.95 -11.56 -25.48
C GLY A 255 -15.45 -11.73 -24.05
N TYR A 256 -15.10 -10.63 -23.37
CA TYR A 256 -15.24 -10.39 -21.93
C TYR A 256 -16.48 -9.62 -21.47
N GLU A 257 -17.22 -10.25 -20.55
CA GLU A 257 -18.36 -9.68 -19.81
C GLU A 257 -18.37 -10.34 -18.45
N ASP A 258 -18.57 -9.61 -17.35
CA ASP A 258 -19.05 -10.22 -16.03
C ASP A 258 -19.60 -9.01 -15.24
N ILE A 259 -20.07 -9.32 -14.04
CA ILE A 259 -20.48 -8.35 -13.05
C ILE A 259 -19.28 -8.22 -12.13
N TYR A 260 -18.85 -7.01 -11.81
CA TYR A 260 -17.69 -6.77 -10.96
C TYR A 260 -18.20 -6.17 -9.67
N ARG A 261 -17.84 -6.81 -8.56
CA ARG A 261 -18.28 -6.41 -7.23
C ARG A 261 -17.14 -5.78 -6.47
N TYR A 262 -17.37 -4.60 -5.91
CA TYR A 262 -16.34 -3.90 -5.15
C TYR A 262 -17.01 -3.05 -4.08
N SER A 263 -16.59 -3.22 -2.83
CA SER A 263 -17.04 -2.39 -1.72
C SER A 263 -18.56 -2.27 -1.67
N GLY A 264 -19.24 -3.42 -1.68
CA GLY A 264 -20.70 -3.48 -1.58
C GLY A 264 -21.51 -3.16 -2.84
N GLU A 265 -20.86 -2.98 -3.97
CA GLU A 265 -21.55 -2.59 -5.18
C GLU A 265 -21.20 -3.48 -6.35
N SER A 266 -22.19 -3.69 -7.22
CA SER A 266 -22.08 -4.43 -8.46
C SER A 266 -22.11 -3.47 -9.70
N TYR A 267 -21.35 -3.85 -10.72
CA TYR A 267 -21.24 -3.06 -11.93
C TYR A 267 -21.27 -4.02 -13.06
N ASN A 268 -22.09 -3.74 -14.05
CA ASN A 268 -22.08 -4.62 -15.18
C ASN A 268 -21.16 -4.06 -16.23
N ILE A 269 -20.12 -4.83 -16.56
CA ILE A 269 -18.98 -4.37 -17.37
C ILE A 269 -18.69 -5.30 -18.52
N TYR A 270 -18.15 -4.79 -19.60
CA TYR A 270 -17.86 -5.60 -20.78
C TYR A 270 -16.95 -4.84 -21.74
N GLY A 271 -16.17 -5.60 -22.51
CA GLY A 271 -15.28 -5.04 -23.55
C GLY A 271 -16.06 -4.79 -24.84
N PRO A 272 -15.58 -3.85 -25.70
CA PRO A 272 -16.29 -3.63 -26.94
C PRO A 272 -16.10 -4.79 -27.89
N THR A 273 -17.01 -4.96 -28.82
CA THR A 273 -16.85 -6.05 -29.76
C THR A 273 -15.66 -5.71 -30.66
N SER A 274 -15.41 -4.43 -30.87
CA SER A 274 -14.22 -4.02 -31.63
C SER A 274 -12.97 -4.04 -30.79
N GLY A 275 -13.05 -4.29 -29.49
CA GLY A 275 -11.82 -4.47 -28.72
C GLY A 275 -11.43 -3.28 -27.89
N ALA A 276 -10.54 -3.54 -26.96
CA ALA A 276 -9.95 -2.49 -26.13
C ALA A 276 -9.28 -1.44 -26.98
N ASN A 277 -9.07 -0.25 -26.43
CA ASN A 277 -8.35 0.84 -27.14
C ASN A 277 -7.55 1.65 -26.16
N PHE A 278 -6.24 1.59 -26.29
CA PHE A 278 -5.35 2.11 -25.27
C PHE A 278 -5.59 3.57 -25.05
N ASN A 279 -5.60 4.34 -26.14
CA ASN A 279 -5.86 5.80 -26.10
C ASN A 279 -7.18 6.24 -25.44
N GLU A 280 -8.29 5.60 -25.83
CA GLU A 280 -9.59 5.88 -25.23
C GLU A 280 -9.60 5.51 -23.75
N CYS A 281 -8.95 4.39 -23.42
CA CYS A 281 -8.82 3.93 -22.04
C CYS A 281 -7.95 4.93 -21.26
N ARG A 282 -6.88 5.35 -21.89
CA ARG A 282 -6.08 6.40 -21.28
C ARG A 282 -6.86 7.68 -20.97
N ASP A 283 -7.73 8.09 -21.86
CA ASP A 283 -8.56 9.27 -21.58
C ASP A 283 -9.40 9.10 -20.33
N LEU A 284 -9.94 7.91 -20.11
CA LEU A 284 -10.77 7.70 -18.96
C LEU A 284 -9.95 7.76 -17.67
N ALA A 285 -8.77 7.16 -17.69
CA ALA A 285 -7.88 7.22 -16.53
C ALA A 285 -7.53 8.68 -16.18
N LEU A 286 -7.14 9.49 -17.17
CA LEU A 286 -6.91 10.93 -16.95
C LEU A 286 -8.15 11.62 -16.38
N GLN A 287 -9.32 11.27 -16.88
CA GLN A 287 -10.52 11.99 -16.48
C GLN A 287 -10.83 11.77 -14.99
N ILE A 288 -10.68 10.54 -14.54
CA ILE A 288 -10.92 10.08 -13.16
C ILE A 288 -10.06 10.79 -12.13
N LEU A 289 -8.90 11.26 -12.59
CA LEU A 289 -7.94 11.94 -11.74
C LEU A 289 -8.39 13.35 -11.35
N ARG A 290 -9.29 13.95 -12.13
CA ARG A 290 -9.66 15.37 -12.00
C ARG A 290 -8.42 16.27 -11.90
N LEU A 291 -7.62 16.23 -12.98
CA LEU A 291 -6.38 16.97 -13.10
C LEU A 291 -6.60 18.48 -13.26
N ASN A 292 -7.84 18.85 -13.54
CA ASN A 292 -8.23 20.23 -13.79
C ASN A 292 -9.13 20.71 -12.65
N GLU A 293 -8.93 20.16 -11.47
CA GLU A 293 -9.53 20.69 -10.27
C GLU A 293 -8.83 22.02 -9.97
N PRO A 294 -9.55 22.98 -9.36
CA PRO A 294 -8.86 24.15 -8.85
C PRO A 294 -7.84 23.79 -7.77
N CYS A 295 -6.68 24.40 -7.85
CA CYS A 295 -5.54 24.07 -7.02
C CYS A 295 -5.27 25.24 -6.12
N SER A 296 -5.68 25.13 -4.87
CA SER A 296 -5.68 26.27 -3.96
C SER A 296 -4.26 26.65 -3.55
N HIS A 297 -3.31 25.74 -3.73
CA HIS A 297 -1.90 26.00 -3.48
C HIS A 297 -1.05 25.16 -4.44
N GLU A 298 -0.32 25.83 -5.34
CA GLU A 298 0.49 25.15 -6.40
C GLU A 298 1.83 24.68 -5.83
N ASN A 299 2.47 23.67 -6.43
CA ASN A 299 1.94 22.84 -7.54
C ASN A 299 1.09 21.65 -7.05
N CYS A 300 0.05 21.33 -7.82
CA CYS A 300 -0.84 20.18 -7.56
C CYS A 300 -0.47 18.89 -8.31
N THR A 301 -1.03 17.79 -7.83
CA THR A 301 -0.95 16.48 -8.46
C THR A 301 -2.24 16.30 -9.22
N PHE A 302 -3.32 16.00 -8.49
CA PHE A 302 -4.68 15.87 -9.04
C PHE A 302 -5.69 16.08 -7.93
N GLY A 303 -6.93 16.43 -8.27
CA GLY A 303 -7.95 16.75 -7.26
C GLY A 303 -7.70 17.95 -6.36
N GLY A 304 -6.82 18.85 -6.76
CA GLY A 304 -6.52 20.04 -5.95
C GLY A 304 -5.72 19.71 -4.71
N ILE A 305 -4.81 18.78 -4.87
CA ILE A 305 -3.98 18.32 -3.78
C ILE A 305 -2.55 18.80 -4.02
N TRP A 306 -1.98 19.44 -3.01
CA TRP A 306 -0.64 20.02 -3.13
C TRP A 306 0.42 18.90 -3.21
N ASP A 307 1.39 19.04 -4.13
CA ASP A 307 2.41 17.99 -4.36
C ASP A 307 3.48 17.88 -3.31
N GLY A 308 3.59 18.88 -2.44
CA GLY A 308 4.61 18.84 -1.40
C GLY A 308 6.00 19.34 -1.82
N GLY A 309 6.13 19.80 -3.06
CA GLY A 309 7.35 20.47 -3.50
C GLY A 309 8.33 19.69 -4.37
N LYS A 310 8.33 18.37 -4.25
CA LYS A 310 9.07 17.52 -5.19
C LYS A 310 10.56 17.79 -5.20
N GLY A 311 11.14 18.02 -4.03
CA GLY A 311 12.58 18.14 -3.91
C GLY A 311 13.35 16.84 -4.00
N SER A 312 14.61 16.91 -3.61
CA SER A 312 15.55 15.78 -3.60
C SER A 312 15.08 14.57 -2.77
N GLY A 313 14.23 14.82 -1.77
CA GLY A 313 13.58 13.72 -1.01
C GLY A 313 12.88 12.67 -1.87
N GLN A 314 12.47 13.09 -3.05
CA GLN A 314 11.63 12.29 -3.92
C GLN A 314 12.31 11.96 -5.31
N LYS A 315 13.57 12.34 -5.48
CA LYS A 315 14.26 12.09 -6.74
C LYS A 315 14.30 10.61 -7.00
N ASN A 316 14.57 9.85 -5.95
CA ASN A 316 14.56 8.39 -5.96
C ASN A 316 13.27 7.85 -5.32
N LEU A 317 12.54 7.02 -6.05
CA LEU A 317 11.27 6.44 -5.59
C LEU A 317 11.34 4.92 -5.55
N VAL A 318 10.83 4.33 -4.48
CA VAL A 318 10.51 2.92 -4.46
C VAL A 318 8.99 2.84 -4.50
N VAL A 319 8.51 2.05 -5.44
CA VAL A 319 7.11 2.03 -5.81
C VAL A 319 6.68 0.55 -5.53
N THR A 320 5.57 0.36 -4.81
CA THR A 320 5.20 -0.96 -4.20
C THR A 320 3.77 -1.46 -4.46
N SER A 321 3.53 -2.67 -4.01
CA SER A 321 2.22 -3.27 -3.86
C SER A 321 1.61 -3.50 -5.25
N ALA A 322 0.56 -2.81 -5.71
CA ALA A 322 0.02 -3.14 -7.07
C ALA A 322 0.92 -2.73 -8.27
N PHE A 323 1.86 -1.81 -8.06
CA PHE A 323 2.89 -1.53 -9.09
C PHE A 323 3.75 -2.74 -9.31
N TYR A 324 3.77 -3.64 -8.32
CA TYR A 324 4.57 -4.85 -8.37
C TYR A 324 3.83 -6.07 -8.90
N TYR A 325 2.65 -6.37 -8.37
CA TYR A 325 2.06 -7.71 -8.61
C TYR A 325 1.85 -8.10 -10.06
N ARG A 326 1.21 -7.23 -10.85
CA ARG A 326 0.82 -7.57 -12.22
C ARG A 326 2.05 -7.46 -13.11
N SER A 327 2.81 -6.36 -12.93
CA SER A 327 4.10 -6.15 -13.63
C SER A 327 5.04 -7.37 -13.57
N SER A 328 5.21 -7.94 -12.38
CA SER A 328 6.05 -9.09 -12.17
C SER A 328 5.43 -10.34 -12.79
N GLU A 329 4.10 -10.43 -12.81
CA GLU A 329 3.43 -11.54 -13.46
C GLU A 329 3.61 -11.52 -14.96
N VAL A 330 3.56 -10.35 -15.59
CA VAL A 330 3.85 -10.36 -17.03
C VAL A 330 5.37 -10.38 -17.25
N GLY A 331 6.17 -10.04 -16.23
CA GLY A 331 7.61 -10.30 -16.26
C GLY A 331 8.57 -9.13 -16.48
N PHE A 332 8.05 -7.92 -16.73
CA PHE A 332 8.93 -6.79 -16.93
C PHE A 332 9.43 -6.16 -15.62
N VAL A 333 8.90 -6.61 -14.48
CA VAL A 333 9.42 -6.28 -13.13
C VAL A 333 9.94 -7.61 -12.54
N THR A 334 10.94 -7.55 -11.68
CA THR A 334 11.65 -8.78 -11.30
C THR A 334 11.83 -8.86 -9.78
N PRO A 335 11.63 -10.05 -9.18
CA PRO A 335 11.75 -10.11 -7.71
C PRO A 335 13.19 -10.07 -7.27
N PRO A 336 13.47 -9.49 -6.10
CA PRO A 336 12.50 -8.94 -5.16
C PRO A 336 12.22 -7.44 -5.42
N ASN A 337 13.11 -6.80 -6.16
CA ASN A 337 12.82 -5.51 -6.76
C ASN A 337 13.68 -5.36 -8.00
N SER A 338 13.44 -4.31 -8.77
CA SER A 338 14.11 -4.09 -10.05
C SER A 338 14.02 -2.64 -10.39
N LYS A 339 15.02 -2.17 -11.14
CA LYS A 339 15.01 -0.83 -11.66
C LYS A 339 14.10 -0.81 -12.86
N ASN A 340 13.23 0.20 -12.96
CA ASN A 340 12.36 0.40 -14.11
C ASN A 340 12.18 1.90 -14.41
N ARG A 341 11.30 2.18 -15.36
CA ARG A 341 10.90 3.52 -15.76
C ARG A 341 9.37 3.54 -15.92
N PRO A 342 8.72 4.68 -15.64
CA PRO A 342 7.27 4.67 -15.79
C PRO A 342 6.73 4.20 -17.13
N LEU A 343 7.41 4.57 -18.22
CA LEU A 343 6.95 4.14 -19.52
C LEU A 343 6.86 2.61 -19.61
N ASP A 344 7.60 1.88 -18.76
CA ASP A 344 7.48 0.40 -18.72
C ASP A 344 6.04 -0.04 -18.55
N PHE A 345 5.28 0.78 -17.83
CA PHE A 345 3.87 0.53 -17.59
C PHE A 345 2.99 0.90 -18.80
N GLU A 346 3.33 1.99 -19.47
CA GLU A 346 2.66 2.33 -20.74
C GLU A 346 2.87 1.25 -21.80
N THR A 347 4.08 0.69 -21.91
CA THR A 347 4.32 -0.31 -22.95
C THR A 347 3.64 -1.63 -22.65
N ALA A 348 3.38 -1.88 -21.37
CA ALA A 348 2.69 -3.10 -20.99
C ALA A 348 1.25 -2.93 -21.25
N ALA A 349 0.74 -1.74 -20.95
CA ALA A 349 -0.65 -1.39 -21.26
C ALA A 349 -0.94 -1.51 -22.72
N LYS A 350 -0.15 -0.87 -23.58
CA LYS A 350 -0.37 -0.97 -25.02
C LYS A 350 -0.39 -2.42 -25.47
N GLN A 351 0.52 -3.22 -24.93
CA GLN A 351 0.56 -4.61 -25.29
C GLN A 351 -0.73 -5.32 -24.81
N ALA A 352 -1.07 -5.15 -23.53
CA ALA A 352 -2.25 -5.81 -22.99
C ALA A 352 -3.54 -5.41 -23.73
N CYS A 353 -3.70 -4.11 -24.07
CA CYS A 353 -4.94 -3.61 -24.70
C CYS A 353 -5.04 -3.90 -26.21
N SER A 354 -3.96 -4.46 -26.77
CA SER A 354 -3.91 -4.86 -28.17
C SER A 354 -4.52 -6.23 -28.40
N LEU A 355 -4.89 -6.93 -27.32
CA LEU A 355 -5.30 -8.35 -27.30
C LEU A 355 -6.81 -8.58 -26.93
N THR A 356 -7.38 -9.67 -27.44
CA THR A 356 -8.70 -10.14 -26.99
C THR A 356 -8.59 -10.84 -25.65
N PHE A 357 -9.74 -11.08 -25.04
CA PHE A 357 -9.74 -11.75 -23.75
C PHE A 357 -9.14 -13.14 -23.89
N GLU A 358 -9.50 -13.88 -24.94
CA GLU A 358 -8.94 -15.22 -25.16
C GLU A 358 -7.45 -15.11 -25.28
N GLU A 359 -6.98 -14.17 -26.09
CA GLU A 359 -5.53 -14.00 -26.34
C GLU A 359 -4.80 -13.65 -25.07
N ALA A 360 -5.31 -12.70 -24.28
CA ALA A 360 -4.69 -12.37 -22.99
C ALA A 360 -4.45 -13.59 -22.11
N LYS A 361 -5.37 -14.53 -22.13
CA LYS A 361 -5.21 -15.76 -21.36
C LYS A 361 -4.01 -16.59 -21.78
N SER A 362 -3.84 -16.83 -23.08
CA SER A 362 -2.70 -17.60 -23.50
C SER A 362 -1.41 -16.78 -23.42
N THR A 363 -1.43 -15.48 -23.65
CA THR A 363 -0.15 -14.83 -23.68
C THR A 363 0.38 -14.53 -22.27
N PHE A 364 -0.50 -14.37 -21.27
CA PHE A 364 -0.08 -13.99 -19.93
C PHE A 364 -0.41 -15.11 -18.94
N PRO A 365 0.26 -16.26 -19.07
CA PRO A 365 -0.16 -17.42 -18.31
C PRO A 365 0.05 -17.29 -16.82
N ASN A 366 0.94 -16.41 -16.37
CA ASN A 366 1.17 -16.22 -14.92
C ASN A 366 0.31 -15.17 -14.23
N VAL A 367 -0.62 -14.57 -14.96
CA VAL A 367 -1.54 -13.66 -14.30
C VAL A 367 -2.68 -14.44 -13.71
N GLU A 368 -3.04 -14.11 -12.49
CA GLU A 368 -4.09 -14.81 -11.75
C GLU A 368 -5.43 -14.70 -12.55
N LYS A 369 -6.19 -15.80 -12.69
CA LYS A 369 -7.35 -15.84 -13.61
C LYS A 369 -8.36 -14.71 -13.38
N ASP A 370 -8.61 -14.36 -12.12
CA ASP A 370 -9.60 -13.32 -11.79
C ASP A 370 -9.01 -11.92 -11.84
N LYS A 371 -7.73 -11.79 -12.13
CA LYS A 371 -7.12 -10.49 -12.38
C LYS A 371 -6.90 -10.23 -13.87
N LEU A 372 -6.91 -11.30 -14.67
CA LEU A 372 -6.54 -11.25 -16.08
C LEU A 372 -7.39 -10.25 -16.91
N PRO A 373 -8.70 -10.16 -16.64
CA PRO A 373 -9.50 -9.23 -17.44
C PRO A 373 -9.09 -7.76 -17.25
N PHE A 374 -8.35 -7.46 -16.20
CA PHE A 374 -8.10 -6.08 -15.92
C PHE A 374 -6.71 -5.66 -16.27
N VAL A 375 -6.01 -6.42 -17.10
CA VAL A 375 -4.60 -6.07 -17.39
C VAL A 375 -4.47 -4.78 -18.18
N CYS A 376 -5.44 -4.52 -19.04
CA CYS A 376 -5.42 -3.35 -19.89
C CYS A 376 -5.72 -2.13 -19.03
N VAL A 377 -6.80 -2.18 -18.25
CA VAL A 377 -7.18 -1.04 -17.39
C VAL A 377 -6.19 -0.80 -16.28
N ASP A 378 -5.59 -1.86 -15.74
CA ASP A 378 -4.65 -1.71 -14.63
C ASP A 378 -3.35 -1.02 -15.03
N PHE A 379 -2.75 -1.47 -16.13
CA PHE A 379 -1.48 -0.91 -16.52
C PHE A 379 -1.67 0.50 -17.04
N THR A 380 -2.78 0.82 -17.71
CA THR A 380 -2.90 2.19 -18.25
C THR A 380 -3.13 3.12 -17.08
N TYR A 381 -3.96 2.74 -16.11
CA TYR A 381 -4.04 3.50 -14.84
C TYR A 381 -2.70 3.60 -14.08
N GLN A 382 -1.95 2.51 -13.96
CA GLN A 382 -0.65 2.58 -13.22
C GLN A 382 0.26 3.62 -13.85
N TYR A 383 0.31 3.56 -15.17
CA TYR A 383 1.09 4.49 -15.93
C TYR A 383 0.62 5.93 -15.73
N THR A 384 -0.69 6.20 -15.88
CA THR A 384 -1.12 7.57 -15.93
C THR A 384 -1.13 8.15 -14.52
N LEU A 385 -1.32 7.32 -13.51
CA LEU A 385 -1.07 7.77 -12.14
C LEU A 385 0.36 8.26 -11.90
N LEU A 386 1.33 7.43 -12.23
CA LEU A 386 2.74 7.80 -12.02
C LEU A 386 3.08 9.08 -12.74
N VAL A 387 2.71 9.16 -14.03
CA VAL A 387 3.22 10.18 -14.93
C VAL A 387 2.35 11.43 -14.92
N ASP A 388 1.07 11.31 -15.19
CA ASP A 388 0.17 12.44 -15.17
C ASP A 388 -0.28 12.80 -13.75
N GLY A 389 -0.61 11.80 -12.95
CA GLY A 389 -1.00 12.07 -11.58
C GLY A 389 0.10 12.65 -10.69
N PHE A 390 1.22 11.95 -10.55
CA PHE A 390 2.31 12.40 -9.70
C PHE A 390 3.42 13.25 -10.41
N GLY A 391 3.21 13.57 -11.70
CA GLY A 391 4.18 14.29 -12.54
C GLY A 391 5.53 13.63 -12.77
N LEU A 392 5.64 12.32 -12.59
CA LEU A 392 6.93 11.68 -12.80
C LEU A 392 7.27 11.73 -14.29
N ASP A 393 8.56 11.65 -14.55
CA ASP A 393 9.09 11.69 -15.89
C ASP A 393 9.03 10.27 -16.39
N PRO A 394 8.39 10.06 -17.54
CA PRO A 394 8.31 8.70 -18.08
C PRO A 394 9.63 8.00 -18.18
N GLU A 395 10.72 8.70 -18.40
CA GLU A 395 12.03 8.02 -18.48
C GLU A 395 12.82 8.07 -17.19
N GLN A 396 12.26 8.55 -16.09
CA GLN A 396 13.05 8.61 -14.89
C GLN A 396 13.12 7.23 -14.34
N GLU A 397 14.23 6.92 -13.70
CA GLU A 397 14.41 5.64 -13.05
C GLU A 397 13.59 5.53 -11.74
N ILE A 398 12.80 4.46 -11.63
CA ILE A 398 12.21 4.09 -10.36
C ILE A 398 12.59 2.67 -10.07
N THR A 399 12.47 2.30 -8.81
CA THR A 399 12.55 0.93 -8.39
C THR A 399 11.16 0.38 -8.05
N VAL A 400 10.84 -0.81 -8.54
CA VAL A 400 9.57 -1.51 -8.25
C VAL A 400 9.87 -2.72 -7.35
N ALA A 401 9.11 -2.86 -6.28
CA ALA A 401 9.50 -3.79 -5.20
C ALA A 401 8.36 -4.53 -4.55
N GLU A 402 8.59 -5.80 -4.23
CA GLU A 402 7.87 -6.51 -3.19
C GLU A 402 8.76 -6.59 -1.93
N GLY A 403 10.07 -6.50 -2.12
CA GLY A 403 11.00 -6.73 -1.03
C GLY A 403 12.32 -6.07 -1.32
N ILE A 404 13.14 -5.94 -0.26
CA ILE A 404 14.51 -5.45 -0.32
C ILE A 404 15.44 -6.48 0.34
N GLU A 405 16.56 -6.80 -0.31
CA GLU A 405 17.49 -7.77 0.27
C GLU A 405 18.22 -7.07 1.42
N TYR A 406 18.06 -7.60 2.62
CA TYR A 406 18.61 -6.98 3.83
C TYR A 406 19.45 -7.99 4.56
N GLN A 407 20.75 -7.72 4.67
CA GLN A 407 21.72 -8.75 5.05
C GLN A 407 21.57 -9.94 4.10
N ASP A 408 21.26 -11.11 4.64
CA ASP A 408 21.22 -12.34 3.86
C ASP A 408 19.81 -12.72 3.48
N ALA A 409 18.84 -11.88 3.77
CA ALA A 409 17.43 -12.25 3.60
C ALA A 409 16.65 -11.16 2.88
N ILE A 410 15.42 -11.48 2.44
CA ILE A 410 14.45 -10.56 1.79
C ILE A 410 13.41 -10.12 2.84
N VAL A 411 13.21 -8.83 3.04
CA VAL A 411 12.14 -8.37 3.95
C VAL A 411 11.18 -7.49 3.16
N GLU A 412 9.90 -7.66 3.40
CA GLU A 412 8.87 -7.16 2.50
C GLU A 412 8.75 -5.65 2.61
N THR A 413 8.53 -5.01 1.46
CA THR A 413 8.44 -3.55 1.37
C THR A 413 7.00 -3.10 1.62
N ALA A 414 6.55 -3.18 2.87
CA ALA A 414 5.20 -2.73 3.24
C ALA A 414 5.23 -2.02 4.55
N TRP A 415 4.14 -1.33 4.89
CA TRP A 415 4.13 -0.47 6.06
C TRP A 415 4.36 -1.14 7.40
N PRO A 416 3.96 -2.42 7.59
CA PRO A 416 4.03 -2.94 8.97
C PRO A 416 5.42 -2.96 9.66
N LEU A 417 6.52 -3.03 8.93
CA LEU A 417 7.82 -3.06 9.60
C LEU A 417 8.00 -1.75 10.33
N GLY A 418 7.63 -0.65 9.68
CA GLY A 418 7.68 0.67 10.29
C GLY A 418 6.92 0.71 11.60
N THR A 419 5.74 0.09 11.61
CA THR A 419 4.93 0.06 12.82
C THR A 419 5.56 -0.79 13.92
N ALA A 420 6.20 -1.90 13.55
CA ALA A 420 6.92 -2.72 14.51
C ALA A 420 8.10 -1.97 15.10
N ILE A 421 8.80 -1.21 14.26
CA ILE A 421 9.94 -0.42 14.75
C ILE A 421 9.42 0.59 15.81
N GLU A 422 8.31 1.27 15.53
CA GLU A 422 7.71 2.23 16.49
C GLU A 422 7.40 1.50 17.80
N ALA A 423 6.77 0.34 17.73
CA ALA A 423 6.31 -0.32 18.94
C ALA A 423 7.50 -0.70 19.82
N ILE A 424 8.46 -1.46 19.30
CA ILE A 424 9.67 -1.87 20.05
C ILE A 424 10.68 -0.78 20.47
N SER A 425 10.85 0.25 19.64
CA SER A 425 11.62 1.45 20.05
C SER A 425 11.15 2.08 21.37
N SER A 426 9.98 1.67 21.86
CA SER A 426 9.37 2.23 23.08
C SER A 426 9.34 1.24 24.25
N LEU A 427 9.81 0.02 24.02
CA LEU A 427 10.04 -0.86 25.14
C LEU A 427 11.06 -0.17 26.09
N PRO A 428 10.98 -0.49 27.40
CA PRO A 428 11.93 0.08 28.33
C PRO A 428 13.33 -0.38 28.03
N LYS A 429 14.26 0.57 28.03
CA LYS A 429 15.68 0.28 27.93
C LYS A 429 16.11 -0.14 26.50
N PHE A 430 15.18 -0.06 25.54
CA PHE A 430 15.49 -0.19 24.10
C PHE A 430 15.85 1.17 23.46
N ASN A 431 16.59 1.11 22.35
CA ASN A 431 16.97 2.28 21.57
C ASN A 431 15.70 2.83 20.95
N ARG A 432 15.46 4.13 21.12
CA ARG A 432 14.29 4.76 20.49
C ARG A 432 14.57 5.11 19.05
N LEU A 433 14.72 4.08 18.22
CA LEU A 433 15.15 4.27 16.86
C LEU A 433 14.14 5.15 16.17
N MET A 434 12.83 4.97 16.40
CA MET A 434 11.85 5.87 15.79
C MET A 434 10.70 6.22 16.69
N TYR A 435 10.16 7.43 16.49
CA TYR A 435 8.88 7.80 17.06
C TYR A 435 8.25 9.04 16.41
N PHE A 436 6.93 9.15 16.64
CA PHE A 436 6.17 10.38 16.54
C PHE A 436 5.82 10.51 15.07
#